data_5JCE
#
_entry.id   5JCE
#
_cell.length_a   60.448
_cell.length_b   99.771
_cell.length_c   87.647
_cell.angle_alpha   90.00
_cell.angle_beta   103.73
_cell.angle_gamma   90.00
#
_symmetry.space_group_name_H-M   'P 1 21 1'
#
loop_
_entity.id
_entity.type
_entity.pdbx_description
1 polymer 'Chitin elicitor-binding protein'
2 branched 2-acetamido-2-deoxy-beta-D-glucopyranose-(1-4)-2-acetamido-2-deoxy-beta-D-glucopyranose-(1-4)-2-acetamido-2-deoxy-beta-D-glucopyranose
3 non-polymer 2-acetamido-2-deoxy-beta-D-glucopyranose
#
_entity_poly.entity_id   1
_entity_poly.type   'polypeptide(L)'
_entity_poly.pdbx_seq_one_letter_code
;ANFTCAVASGTTCKSAILYTSPNATTYGNLVARFNTTTLPDLLGANGLPDGTLSSAPVAANSTVKIPFRCRCNGDVGQSD
RLPIYVVQPQDGLDAIARNVFNAFVTYQEIAAANNIPDPNKINVSQTLWIPLPCSCDKEEGSNVMHLAYSVGKGENTSAI
AAKYGVTESTLLTRNKIDDPTKLQMGQILDVPLPVCRSSISDTSADHNLMLLPDGTYGFTAGNCIRCSCSSTTYQLNCTA
VQNKGCPSVPLCNGTLKLGETNGTGCGSTTCAYSGYSNSSSLIIQTSLATNQTTACQ
;
_entity_poly.pdbx_strand_id   A,B
#
loop_
_chem_comp.id
_chem_comp.type
_chem_comp.name
_chem_comp.formula
NAG D-saccharide, beta linking 2-acetamido-2-deoxy-beta-D-glucopyranose 'C8 H15 N O6'
#
# COMPACT_ATOMS: atom_id res chain seq x y z
N ALA A 1 11.91 20.36 8.79
CA ALA A 1 10.78 19.50 8.43
C ALA A 1 11.17 18.36 7.46
N ASN A 2 11.76 17.30 8.01
CA ASN A 2 12.15 16.15 7.18
C ASN A 2 11.03 15.09 7.11
N PHE A 3 10.96 14.16 8.06
CA PHE A 3 9.78 13.27 8.14
C PHE A 3 8.94 13.63 9.36
N THR A 4 7.66 13.86 9.13
CA THR A 4 6.71 14.09 10.20
C THR A 4 6.72 12.96 11.24
N CYS A 5 6.62 13.35 12.51
CA CYS A 5 6.44 12.39 13.58
C CYS A 5 5.53 13.03 14.63
N ALA A 6 4.56 12.29 15.14
CA ALA A 6 3.53 12.89 15.99
C ALA A 6 3.47 12.27 17.39
N VAL A 7 4.36 11.35 17.67
CA VAL A 7 4.40 10.78 18.99
C VAL A 7 5.05 11.78 19.95
N ALA A 8 4.97 11.51 21.24
CA ALA A 8 5.54 12.37 22.27
C ALA A 8 7.03 12.65 22.03
N SER A 9 7.44 13.88 22.31
CA SER A 9 8.83 14.25 22.15
C SER A 9 9.72 13.48 23.13
N GLY A 10 10.92 13.12 22.68
CA GLY A 10 11.81 12.29 23.45
C GLY A 10 11.71 10.83 23.08
N THR A 11 10.65 10.44 22.40
CA THR A 11 10.49 9.06 22.01
C THR A 11 11.51 8.60 20.98
N THR A 12 12.10 7.45 21.22
CA THR A 12 13.11 6.94 20.34
C THR A 12 12.60 5.73 19.64
N CYS A 13 13.15 5.55 18.47
CA CYS A 13 12.75 4.56 17.53
C CYS A 13 13.90 4.05 16.74
N LYS A 14 13.64 3.02 15.96
CA LYS A 14 14.64 2.48 15.07
C LYS A 14 14.15 2.79 13.67
N SER A 15 14.97 3.45 12.88
CA SER A 15 14.66 3.80 11.51
C SER A 15 15.86 3.51 10.63
N ALA A 16 15.79 3.89 9.35
CA ALA A 16 16.89 3.59 8.44
C ALA A 16 16.93 4.49 7.22
N ILE A 17 18.10 4.56 6.60
CA ILE A 17 18.20 5.21 5.32
C ILE A 17 18.65 4.17 4.34
N LEU A 18 18.18 4.31 3.10
CA LEU A 18 18.70 3.50 2.02
C LEU A 18 19.84 4.27 1.40
N TYR A 19 21.04 3.89 1.81
CA TYR A 19 22.22 4.65 1.47
C TYR A 19 22.90 4.15 0.22
N THR A 20 23.24 5.10 -0.64
CA THR A 20 23.90 4.86 -1.91
C THR A 20 25.34 5.24 -1.81
N SER A 21 26.22 4.25 -1.97
CA SER A 21 27.64 4.53 -1.76
C SER A 21 28.20 5.14 -3.01
N PRO A 22 28.80 6.33 -2.88
CA PRO A 22 29.42 6.96 -4.06
C PRO A 22 30.56 6.09 -4.59
N ASN A 23 31.48 5.76 -3.70
CA ASN A 23 32.67 4.97 -4.03
C ASN A 23 32.49 3.51 -3.61
N ALA A 24 33.31 2.62 -4.17
CA ALA A 24 33.33 1.24 -3.68
C ALA A 24 33.84 1.23 -2.24
N THR A 25 33.20 0.43 -1.38
CA THR A 25 33.71 0.25 -0.01
C THR A 25 33.38 -1.13 0.52
N THR A 26 33.39 -1.25 1.85
CA THR A 26 33.01 -2.48 2.53
C THR A 26 31.95 -2.14 3.56
N TYR A 27 31.34 -3.17 4.13
CA TYR A 27 30.35 -2.96 5.18
C TYR A 27 31.04 -2.39 6.39
N GLY A 28 32.29 -2.78 6.58
CA GLY A 28 33.07 -2.31 7.70
C GLY A 28 33.27 -0.81 7.66
N ASN A 29 33.59 -0.29 6.48
CA ASN A 29 33.74 1.14 6.34
C ASN A 29 32.44 1.93 6.57
N LEU A 30 31.29 1.33 6.29
CA LEU A 30 30.02 1.99 6.51
C LEU A 30 29.75 2.13 8.00
N VAL A 31 30.04 1.05 8.72
CA VAL A 31 29.97 1.05 10.18
C VAL A 31 30.83 2.19 10.76
N ALA A 32 32.03 2.38 10.24
CA ALA A 32 32.89 3.43 10.77
C ALA A 32 32.34 4.80 10.37
N ARG A 33 31.83 4.89 9.15
CA ARG A 33 31.27 6.14 8.64
C ARG A 33 30.11 6.64 9.50
N PHE A 34 29.16 5.75 9.79
CA PHE A 34 27.93 6.15 10.45
C PHE A 34 27.97 5.96 11.97
N ASN A 35 28.63 4.90 12.40
CA ASN A 35 28.66 4.50 13.81
C ASN A 35 27.29 4.57 14.50
N THR A 36 26.23 4.23 13.77
CA THR A 36 24.89 4.31 14.32
C THR A 36 24.42 2.92 14.73
N THR A 37 25.23 1.93 14.40
CA THR A 37 24.86 0.56 14.65
C THR A 37 26.12 -0.29 14.65
N THR A 38 26.01 -1.56 15.00
CA THR A 38 27.15 -2.47 14.97
C THR A 38 27.20 -3.19 13.65
N LEU A 39 28.34 -3.80 13.32
CA LEU A 39 28.46 -4.50 12.06
C LEU A 39 27.44 -5.64 11.94
N PRO A 40 27.30 -6.49 12.98
CA PRO A 40 26.34 -7.58 12.78
C PRO A 40 24.89 -7.11 12.63
N ASP A 41 24.51 -5.99 13.23
CA ASP A 41 23.15 -5.49 13.00
C ASP A 41 23.01 -4.88 11.59
N LEU A 42 24.05 -4.21 11.10
CA LEU A 42 24.06 -3.74 9.71
C LEU A 42 23.97 -4.91 8.74
N LEU A 43 24.74 -5.97 9.01
CA LEU A 43 24.65 -7.19 8.21
C LEU A 43 23.25 -7.77 8.24
N GLY A 44 22.70 -7.92 9.45
CA GLY A 44 21.35 -8.42 9.64
C GLY A 44 20.26 -7.49 9.12
N ALA A 45 20.52 -6.19 9.16
CA ALA A 45 19.57 -5.20 8.63
C ALA A 45 19.46 -5.31 7.12
N ASN A 46 20.46 -5.95 6.50
CA ASN A 46 20.43 -6.18 5.05
C ASN A 46 20.26 -7.66 4.69
N GLY A 47 20.16 -8.53 5.69
CA GLY A 47 20.01 -9.96 5.47
C GLY A 47 21.25 -10.66 4.95
N LEU A 48 22.43 -10.19 5.33
CA LEU A 48 23.64 -10.93 5.01
C LEU A 48 23.74 -12.05 6.04
N PRO A 49 24.52 -13.09 5.75
CA PRO A 49 24.57 -14.22 6.68
C PRO A 49 25.35 -13.88 7.97
N ASP A 50 24.96 -14.52 9.07
CA ASP A 50 25.68 -14.40 10.33
C ASP A 50 27.15 -14.79 10.19
N GLY A 51 28.06 -13.98 10.71
CA GLY A 51 29.48 -14.30 10.63
C GLY A 51 30.18 -13.84 9.35
N THR A 52 29.43 -13.21 8.44
CA THR A 52 30.03 -12.47 7.36
C THR A 52 30.99 -11.42 7.92
N LEU A 53 32.15 -11.26 7.29
CA LEU A 53 33.17 -10.32 7.75
C LEU A 53 32.88 -8.91 7.27
N SER A 54 33.57 -7.96 7.89
CA SER A 54 33.39 -6.53 7.62
C SER A 54 33.80 -6.19 6.21
N SER A 55 34.58 -7.09 5.60
CA SER A 55 35.13 -6.85 4.28
C SER A 55 34.11 -7.19 3.20
N ALA A 56 32.88 -7.48 3.61
CA ALA A 56 31.80 -7.70 2.65
C ALA A 56 31.69 -6.47 1.78
N PRO A 57 31.66 -6.66 0.46
CA PRO A 57 31.78 -5.52 -0.46
C PRO A 57 30.52 -4.67 -0.52
N VAL A 58 30.72 -3.39 -0.78
CA VAL A 58 29.64 -2.50 -1.19
C VAL A 58 30.05 -1.87 -2.53
N ALA A 59 29.43 -2.33 -3.61
CA ALA A 59 29.72 -1.83 -4.95
C ALA A 59 29.36 -0.35 -5.10
N ALA A 60 30.08 0.36 -5.95
CA ALA A 60 29.76 1.75 -6.23
C ALA A 60 28.34 1.86 -6.78
N ASN A 61 27.59 2.77 -6.19
CA ASN A 61 26.20 3.05 -6.56
C ASN A 61 25.24 1.92 -6.20
N SER A 62 25.72 0.98 -5.41
CA SER A 62 24.84 0.02 -4.76
C SER A 62 24.20 0.64 -3.52
N THR A 63 23.12 0.02 -3.02
CA THR A 63 22.35 0.61 -1.93
C THR A 63 22.44 -0.28 -0.69
N VAL A 64 22.75 0.33 0.45
CA VAL A 64 22.74 -0.40 1.69
C VAL A 64 21.81 0.25 2.71
N LYS A 65 21.00 -0.60 3.33
CA LYS A 65 20.06 -0.23 4.38
C LYS A 65 20.89 0.02 5.65
N ILE A 66 20.80 1.23 6.20
CA ILE A 66 21.60 1.59 7.37
C ILE A 66 20.72 2.01 8.54
N PRO A 67 20.55 1.11 9.53
CA PRO A 67 19.64 1.41 10.64
C PRO A 67 20.28 2.37 11.63
N PHE A 68 19.45 3.12 12.35
CA PHE A 68 19.89 4.05 13.37
C PHE A 68 18.76 4.40 14.34
N ARG A 69 19.09 4.95 15.47
CA ARG A 69 18.10 5.33 16.43
C ARG A 69 17.54 6.67 16.09
N CYS A 70 16.25 6.79 16.08
CA CYS A 70 15.59 8.01 15.77
C CYS A 70 15.02 8.61 17.03
N ARG A 71 15.17 9.90 17.12
CA ARG A 71 14.60 10.63 18.19
C ARG A 71 13.56 11.57 17.59
N CYS A 72 12.43 11.59 18.22
CA CYS A 72 11.37 12.50 17.84
C CYS A 72 11.31 13.70 18.75
N ASN A 73 11.27 14.87 18.19
CA ASN A 73 11.03 16.07 19.00
C ASN A 73 9.54 16.33 18.85
N GLY A 74 9.08 17.54 19.12
CA GLY A 74 7.69 17.80 18.83
C GLY A 74 7.06 17.27 17.54
N ASP A 75 7.73 17.56 16.42
CA ASP A 75 7.11 17.59 15.12
C ASP A 75 7.76 16.61 14.15
N VAL A 76 9.09 16.51 14.21
CA VAL A 76 9.81 15.64 13.29
C VAL A 76 10.65 14.57 13.98
N GLY A 77 11.05 13.57 13.20
CA GLY A 77 11.99 12.57 13.67
C GLY A 77 13.36 12.96 13.16
N GLN A 78 14.35 12.79 14.04
CA GLN A 78 15.76 13.03 13.71
C GLN A 78 16.61 11.90 14.27
N SER A 79 17.68 11.57 13.56
CA SER A 79 18.57 10.52 14.00
C SER A 79 19.24 11.00 15.28
N ASP A 80 19.27 10.12 16.26
CA ASP A 80 19.57 10.54 17.64
C ASP A 80 21.04 10.91 17.89
N ARG A 81 21.41 12.13 17.49
CA ARG A 81 22.75 12.69 17.71
C ARG A 81 23.87 11.89 17.04
N LEU A 82 23.48 10.94 16.21
CA LEU A 82 24.40 10.25 15.32
C LEU A 82 23.75 10.41 13.95
N PRO A 83 24.54 10.34 12.87
CA PRO A 83 25.99 10.20 12.91
C PRO A 83 26.71 11.51 13.18
N ILE A 84 28.00 11.38 13.45
CA ILE A 84 28.85 12.50 13.71
C ILE A 84 29.90 12.60 12.64
N TYR A 85 29.88 13.72 11.92
CA TYR A 85 30.83 13.95 10.85
C TYR A 85 31.94 14.90 11.30
N VAL A 86 33.19 14.55 11.00
CA VAL A 86 34.34 15.39 11.27
C VAL A 86 34.79 16.12 9.99
N VAL A 87 34.76 17.45 10.03
CA VAL A 87 35.06 18.27 8.87
C VAL A 87 36.50 18.13 8.38
N GLN A 88 36.65 17.87 7.08
CA GLN A 88 37.97 17.69 6.47
C GLN A 88 38.41 19.01 5.84
N PRO A 89 39.73 19.21 5.69
CA PRO A 89 40.40 20.41 5.13
C PRO A 89 39.55 21.39 4.30
N GLN A 90 38.82 20.96 3.27
CA GLN A 90 37.95 21.94 2.58
C GLN A 90 36.53 21.49 2.31
N ASP A 91 35.91 20.89 3.31
CA ASP A 91 34.50 20.53 3.23
C ASP A 91 33.67 21.80 3.16
N GLY A 92 32.37 21.62 2.94
CA GLY A 92 31.41 22.71 2.99
C GLY A 92 30.10 22.06 3.37
N LEU A 93 29.25 22.79 4.07
CA LEU A 93 28.06 22.18 4.64
C LEU A 93 27.15 21.61 3.55
N ASP A 94 27.19 22.21 2.36
CA ASP A 94 26.31 21.75 1.31
C ASP A 94 26.88 20.52 0.59
N ALA A 95 28.19 20.51 0.42
CA ALA A 95 28.84 19.38 -0.22
C ALA A 95 28.68 18.14 0.65
N ILE A 96 28.91 18.34 1.95
CA ILE A 96 28.77 17.30 2.95
C ILE A 96 27.39 16.67 2.93
N ALA A 97 26.36 17.49 2.76
CA ALA A 97 25.00 16.96 2.74
C ALA A 97 24.80 16.07 1.51
N ARG A 98 25.27 16.55 0.37
CA ARG A 98 24.96 15.95 -0.93
C ARG A 98 25.86 14.78 -1.31
N ASN A 99 27.16 14.93 -1.08
CA ASN A 99 28.12 13.97 -1.60
C ASN A 99 28.60 12.94 -0.58
N VAL A 100 28.22 13.15 0.68
CA VAL A 100 28.52 12.19 1.73
C VAL A 100 27.22 11.57 2.19
N PHE A 101 26.18 12.37 2.34
CA PHE A 101 24.92 11.85 2.86
C PHE A 101 23.74 11.88 1.89
N ASN A 102 24.02 11.75 0.59
CA ASN A 102 22.98 11.47 -0.38
C ASN A 102 21.83 12.46 -0.41
N ALA A 103 22.05 13.65 0.15
CA ALA A 103 21.03 14.70 0.23
C ALA A 103 19.85 14.26 1.12
N PHE A 104 20.11 13.37 2.06
CA PHE A 104 19.07 13.03 3.02
C PHE A 104 18.81 14.19 4.00
N VAL A 105 19.77 15.11 4.08
CA VAL A 105 19.65 16.32 4.88
C VAL A 105 20.02 17.50 4.03
N THR A 106 19.58 18.67 4.44
CA THR A 106 19.98 19.88 3.75
C THR A 106 21.03 20.63 4.60
N TYR A 107 21.84 21.49 3.98
CA TYR A 107 22.89 22.19 4.76
C TYR A 107 22.29 23.07 5.86
N GLN A 108 21.08 23.57 5.63
CA GLN A 108 20.36 24.31 6.65
C GLN A 108 19.96 23.44 7.84
N GLU A 109 19.51 22.21 7.56
CA GLU A 109 19.19 21.29 8.65
C GLU A 109 20.40 20.88 9.45
N ILE A 110 21.55 20.79 8.77
CA ILE A 110 22.81 20.52 9.45
C ILE A 110 23.17 21.69 10.38
N ALA A 111 23.24 22.90 9.81
CA ALA A 111 23.61 24.09 10.56
C ALA A 111 22.66 24.31 11.73
N ALA A 112 21.37 24.20 11.48
CA ALA A 112 20.41 24.33 12.55
C ALA A 112 20.65 23.28 13.65
N ALA A 113 21.08 22.09 13.27
CA ALA A 113 21.27 21.02 14.23
C ALA A 113 22.52 21.25 15.12
N ASN A 114 23.50 21.98 14.58
CA ASN A 114 24.76 22.26 15.28
C ASN A 114 24.93 23.73 15.67
N ASN A 115 23.81 24.45 15.75
CA ASN A 115 23.77 25.85 16.13
C ASN A 115 24.73 26.76 15.36
N ILE A 116 25.05 26.39 14.13
CA ILE A 116 25.96 27.18 13.30
C ILE A 116 25.21 28.34 12.66
N PRO A 117 25.64 29.58 12.94
CA PRO A 117 24.91 30.82 12.60
C PRO A 117 25.09 31.29 11.15
N ASP A 118 26.24 31.02 10.55
CA ASP A 118 26.43 31.27 9.12
C ASP A 118 26.87 29.98 8.45
N PRO A 119 25.98 29.35 7.67
CA PRO A 119 26.26 28.06 7.04
C PRO A 119 27.61 28.00 6.31
N ASN A 120 28.24 29.14 6.03
CA ASN A 120 29.48 29.15 5.27
C ASN A 120 30.75 28.92 6.10
N LYS A 121 30.67 28.97 7.43
CA LYS A 121 31.89 28.80 8.22
C LYS A 121 31.92 27.63 9.20
N ILE A 122 32.78 26.68 8.87
CA ILE A 122 32.99 25.51 9.69
C ILE A 122 34.50 25.28 9.72
N ASN A 123 35.02 24.81 10.85
CA ASN A 123 36.46 24.60 10.96
C ASN A 123 36.84 23.17 10.66
N VAL A 124 38.03 23.00 10.09
CA VAL A 124 38.65 21.68 10.00
C VAL A 124 38.58 21.06 11.39
N SER A 125 38.20 19.77 11.44
CA SER A 125 38.14 18.99 12.66
C SER A 125 36.91 19.28 13.53
N GLN A 126 36.05 20.18 13.08
CA GLN A 126 34.81 20.47 13.78
C GLN A 126 33.85 19.28 13.63
N THR A 127 33.14 18.93 14.69
CA THR A 127 32.25 17.81 14.58
C THR A 127 30.83 18.28 14.43
N LEU A 128 30.10 17.53 13.60
CA LEU A 128 28.77 17.86 13.16
C LEU A 128 27.85 16.69 13.39
N TRP A 129 26.81 16.92 14.15
CA TRP A 129 25.73 15.97 14.16
C TRP A 129 24.98 16.05 12.80
N ILE A 130 24.72 14.92 12.17
CA ILE A 130 24.02 14.96 10.90
C ILE A 130 22.69 14.37 11.21
N PRO A 131 21.59 15.21 11.12
CA PRO A 131 20.32 14.58 11.50
C PRO A 131 19.51 13.98 10.38
N LEU A 132 19.60 12.71 10.22
CA LEU A 132 18.89 12.04 9.22
C LEU A 132 17.39 11.99 9.45
N PRO A 133 16.64 12.07 8.37
CA PRO A 133 15.20 12.00 8.37
C PRO A 133 14.67 10.66 8.84
N CYS A 134 13.67 10.72 9.68
CA CYS A 134 13.08 9.56 10.31
C CYS A 134 11.81 9.82 11.14
N SER A 135 11.20 8.77 11.65
CA SER A 135 10.01 8.76 12.46
C SER A 135 10.20 7.33 12.91
N CYS A 136 9.59 6.66 13.86
CA CYS A 136 8.58 7.08 14.80
C CYS A 136 7.12 6.73 14.68
N ASP A 137 6.39 7.42 13.86
CA ASP A 137 4.98 7.16 13.74
C ASP A 137 4.59 5.82 13.28
N LYS A 138 3.43 5.41 13.74
CA LYS A 138 2.81 4.19 13.33
C LYS A 138 2.10 4.36 12.03
N GLU A 139 1.87 3.25 11.38
CA GLU A 139 1.11 3.18 10.15
C GLU A 139 -0.12 2.33 10.45
N GLU A 140 -1.28 2.97 10.51
CA GLU A 140 -2.56 2.25 10.63
C GLU A 140 -2.69 1.63 12.03
N GLY A 141 -2.06 2.21 13.04
CA GLY A 141 -2.05 1.58 14.35
C GLY A 141 -1.23 0.30 14.36
N SER A 142 -0.42 0.11 13.33
CA SER A 142 0.55 -0.98 13.26
C SER A 142 1.98 -0.45 13.21
N ASN A 143 2.88 -1.06 13.98
CA ASN A 143 4.29 -0.72 13.93
C ASN A 143 4.90 -0.86 12.55
N VAL A 144 5.80 0.06 12.22
CA VAL A 144 6.53 0.02 10.98
C VAL A 144 7.94 0.52 11.21
N MET A 145 8.84 0.21 10.28
CA MET A 145 10.14 0.79 10.32
C MET A 145 10.25 1.77 9.18
N HIS A 146 10.21 3.07 9.46
CA HIS A 146 10.34 4.03 8.38
C HIS A 146 11.71 3.91 7.77
N LEU A 147 11.79 4.13 6.46
CA LEU A 147 13.03 4.01 5.73
C LEU A 147 13.08 5.20 4.80
N ALA A 148 14.21 5.88 4.76
CA ALA A 148 14.35 7.05 3.89
C ALA A 148 14.86 6.60 2.53
N TYR A 149 14.08 6.89 1.50
CA TYR A 149 14.34 6.43 0.15
C TYR A 149 14.57 7.61 -0.78
N SER A 150 15.73 7.62 -1.44
CA SER A 150 16.03 8.64 -2.45
C SER A 150 15.59 8.15 -3.81
N VAL A 151 14.56 8.79 -4.37
CA VAL A 151 13.94 8.33 -5.62
C VAL A 151 14.90 8.44 -6.81
N GLY A 152 15.22 7.30 -7.42
CA GLY A 152 16.05 7.28 -8.62
C GLY A 152 15.20 7.62 -9.82
N LYS A 153 15.80 7.66 -11.02
CA LYS A 153 15.01 8.11 -12.18
C LYS A 153 14.19 6.99 -12.78
N GLY A 154 13.02 7.37 -13.31
CA GLY A 154 12.15 6.43 -13.99
C GLY A 154 11.23 5.68 -13.05
N GLU A 155 11.36 5.99 -11.76
CA GLU A 155 10.59 5.30 -10.75
C GLU A 155 9.18 5.87 -10.60
N ASN A 156 8.32 5.13 -9.92
CA ASN A 156 6.97 5.58 -9.64
C ASN A 156 6.46 4.94 -8.36
N THR A 157 5.39 5.48 -7.82
CA THR A 157 4.91 5.00 -6.53
C THR A 157 4.43 3.56 -6.58
N SER A 158 4.02 3.12 -7.76
CA SER A 158 3.58 1.74 -7.94
C SER A 158 4.73 0.74 -7.69
N ALA A 159 5.86 1.00 -8.34
CA ALA A 159 6.97 0.08 -8.34
C ALA A 159 7.64 0.04 -6.97
N ILE A 160 7.81 1.21 -6.37
CA ILE A 160 8.41 1.34 -5.06
C ILE A 160 7.61 0.59 -4.02
N ALA A 161 6.29 0.77 -4.05
CA ALA A 161 5.41 0.22 -3.04
C ALA A 161 5.42 -1.30 -3.12
N ALA A 162 5.55 -1.83 -4.34
CA ALA A 162 5.62 -3.27 -4.51
C ALA A 162 6.99 -3.75 -4.04
N LYS A 163 8.02 -2.96 -4.33
CA LYS A 163 9.36 -3.32 -3.91
C LYS A 163 9.44 -3.55 -2.39
N TYR A 164 8.68 -2.79 -1.61
CA TYR A 164 8.79 -2.93 -0.17
C TYR A 164 7.56 -3.55 0.51
N GLY A 165 6.59 -3.98 -0.29
CA GLY A 165 5.45 -4.71 0.23
C GLY A 165 4.50 -3.77 0.95
N VAL A 166 4.46 -2.54 0.45
CA VAL A 166 3.59 -1.52 1.01
C VAL A 166 2.47 -1.13 0.04
N THR A 167 1.28 -0.86 0.57
CA THR A 167 0.22 -0.26 -0.23
C THR A 167 0.65 1.11 -0.75
N GLU A 168 0.31 1.41 -1.99
CA GLU A 168 0.61 2.72 -2.57
C GLU A 168 -0.16 3.81 -1.83
N SER A 169 -1.31 3.45 -1.27
CA SER A 169 -2.07 4.33 -0.38
C SER A 169 -1.21 4.99 0.69
N THR A 170 -0.66 4.18 1.61
CA THR A 170 0.08 4.74 2.73
C THR A 170 1.23 5.62 2.24
N LEU A 171 1.93 5.17 1.20
CA LEU A 171 3.04 5.94 0.64
C LEU A 171 2.61 7.36 0.24
N LEU A 172 1.41 7.51 -0.29
CA LEU A 172 0.96 8.82 -0.78
C LEU A 172 0.48 9.76 0.33
N THR A 173 -0.07 9.19 1.39
CA THR A 173 -0.57 9.97 2.52
C THR A 173 0.57 10.34 3.46
N ARG A 174 1.63 9.56 3.39
CA ARG A 174 2.76 9.72 4.29
C ARG A 174 3.77 10.66 3.66
N ASN A 175 3.64 10.90 2.37
CA ASN A 175 4.69 11.58 1.63
C ASN A 175 4.29 12.80 0.85
N LYS A 176 3.04 13.22 0.92
CA LYS A 176 2.65 14.44 0.21
C LYS A 176 2.97 14.23 -1.29
N ILE A 177 2.07 13.58 -2.00
CA ILE A 177 2.28 13.42 -3.44
C ILE A 177 1.00 13.75 -4.18
N ASP A 178 0.95 14.94 -4.77
CA ASP A 178 -0.23 15.37 -5.47
C ASP A 178 -0.49 14.39 -6.61
N ASP A 179 0.23 14.55 -7.70
CA ASP A 179 0.07 13.65 -8.81
C ASP A 179 1.30 12.78 -8.83
N PRO A 180 1.14 11.49 -8.54
CA PRO A 180 2.29 10.61 -8.56
C PRO A 180 2.91 10.79 -9.90
N THR A 181 2.18 10.33 -10.90
CA THR A 181 2.62 10.41 -12.28
C THR A 181 4.09 10.03 -12.37
N LYS A 182 4.90 11.06 -12.40
CA LYS A 182 6.32 10.91 -12.47
C LYS A 182 6.83 11.49 -11.19
N LEU A 183 7.51 10.68 -10.41
CA LEU A 183 8.06 11.16 -9.18
C LEU A 183 9.29 11.88 -9.58
N GLN A 184 9.51 13.05 -9.01
CA GLN A 184 10.73 13.80 -9.30
C GLN A 184 11.92 13.06 -8.69
N MET A 185 13.02 12.99 -9.43
CA MET A 185 14.21 12.29 -8.99
C MET A 185 14.96 13.11 -7.93
N GLY A 186 15.49 12.42 -6.91
CA GLY A 186 16.19 13.07 -5.83
C GLY A 186 15.26 13.35 -4.66
N GLN A 187 13.96 13.17 -4.89
CA GLN A 187 12.99 13.36 -3.82
C GLN A 187 13.21 12.32 -2.72
N ILE A 188 13.11 12.75 -1.47
CA ILE A 188 13.28 11.84 -0.35
C ILE A 188 11.93 11.32 0.08
N LEU A 189 11.74 10.00 0.09
CA LEU A 189 10.47 9.45 0.53
C LEU A 189 10.54 8.75 1.89
N ASP A 190 9.50 8.96 2.68
CA ASP A 190 9.23 8.19 3.89
C ASP A 190 8.55 6.87 3.49
N VAL A 191 9.24 5.74 3.65
CA VAL A 191 8.68 4.42 3.28
C VAL A 191 8.50 3.53 4.51
N PRO A 192 7.27 3.44 5.05
CA PRO A 192 7.07 2.67 6.28
C PRO A 192 7.03 1.17 6.03
N LEU A 193 8.18 0.51 6.19
CA LEU A 193 8.27 -0.93 5.99
C LEU A 193 7.47 -1.66 7.04
N PRO A 194 6.59 -2.58 6.60
CA PRO A 194 5.98 -3.51 7.56
C PRO A 194 7.03 -4.34 8.29
N VAL A 195 6.76 -4.70 9.54
CA VAL A 195 7.69 -5.44 10.38
C VAL A 195 6.97 -6.54 11.14
N CYS A 196 7.72 -7.52 11.64
CA CYS A 196 7.14 -8.61 12.46
C CYS A 196 6.52 -8.06 13.73
N ARG A 197 5.48 -8.72 14.22
CA ARG A 197 4.93 -8.42 15.55
C ARG A 197 5.82 -9.08 16.54
N SER A 198 5.79 -8.62 17.79
CA SER A 198 6.60 -9.20 18.85
C SER A 198 5.81 -9.29 20.15
N SER A 199 6.49 -9.79 21.18
CA SER A 199 5.95 -9.80 22.53
C SER A 199 6.83 -8.94 23.44
N ILE A 200 7.57 -8.02 22.83
CA ILE A 200 8.45 -7.17 23.59
C ILE A 200 7.64 -6.12 24.34
N SER A 201 7.75 -6.15 25.67
CA SER A 201 6.96 -5.28 26.55
C SER A 201 7.32 -3.80 26.47
N ASP A 202 6.37 -2.95 26.84
CA ASP A 202 6.59 -1.51 27.09
C ASP A 202 7.75 -1.23 28.03
N THR A 203 7.77 -1.96 29.14
CA THR A 203 8.80 -1.78 30.17
C THR A 203 10.22 -2.05 29.69
N SER A 204 10.36 -2.66 28.50
CA SER A 204 11.66 -3.12 28.02
C SER A 204 12.44 -2.03 27.29
N ALA A 205 13.74 -2.03 27.51
CA ALA A 205 14.68 -1.12 26.87
C ALA A 205 14.61 -1.13 25.34
N ASP A 206 14.47 -2.31 24.74
CA ASP A 206 14.44 -2.46 23.27
C ASP A 206 13.06 -2.36 22.64
N HIS A 207 12.10 -1.79 23.37
CA HIS A 207 10.69 -1.84 22.97
C HIS A 207 10.39 -1.26 21.57
N ASN A 208 11.05 -0.18 21.19
CA ASN A 208 10.81 0.37 19.87
C ASN A 208 11.95 0.16 18.91
N LEU A 209 12.86 -0.73 19.27
CA LEU A 209 14.08 -0.93 18.49
C LEU A 209 14.08 -2.24 17.70
N MET A 210 13.36 -3.25 18.17
CA MET A 210 13.26 -4.49 17.41
C MET A 210 12.16 -4.38 16.37
N LEU A 211 12.43 -3.58 15.34
CA LEU A 211 11.51 -3.39 14.24
C LEU A 211 12.24 -3.93 13.02
N LEU A 212 11.87 -5.14 12.62
CA LEU A 212 12.57 -5.82 11.56
C LEU A 212 11.63 -6.15 10.43
N PRO A 213 11.86 -5.55 9.25
CA PRO A 213 11.07 -5.96 8.08
C PRO A 213 11.45 -7.37 7.63
N ASP A 214 10.86 -7.82 6.53
CA ASP A 214 11.02 -9.19 6.11
C ASP A 214 12.45 -9.49 5.65
N GLY A 215 12.93 -10.68 5.98
CA GLY A 215 14.23 -11.11 5.52
C GLY A 215 15.38 -10.59 6.34
N THR A 216 15.11 -9.71 7.30
CA THR A 216 16.19 -9.14 8.11
C THR A 216 16.27 -9.75 9.50
N TYR A 217 17.33 -9.43 10.22
CA TYR A 217 17.45 -9.91 11.58
C TYR A 217 18.28 -8.93 12.36
N GLY A 218 18.30 -9.08 13.69
CA GLY A 218 19.01 -8.14 14.55
C GLY A 218 19.37 -8.79 15.88
N PHE A 219 20.17 -8.09 16.67
CA PHE A 219 20.57 -8.56 17.99
C PHE A 219 20.10 -7.59 19.08
N THR A 220 19.74 -8.13 20.24
CA THR A 220 19.32 -7.29 21.35
C THR A 220 19.75 -7.85 22.71
N ALA A 221 19.53 -7.07 23.77
CA ALA A 221 19.86 -7.47 25.15
C ALA A 221 21.33 -7.77 25.37
N GLY A 222 22.17 -6.78 25.07
CA GLY A 222 23.60 -6.93 25.19
C GLY A 222 24.11 -8.08 24.33
N ASN A 223 23.57 -8.19 23.12
CA ASN A 223 23.92 -9.25 22.16
C ASN A 223 23.65 -10.67 22.64
N CYS A 224 22.63 -10.84 23.50
CA CYS A 224 22.30 -12.17 24.02
C CYS A 224 21.10 -12.76 23.32
N ILE A 225 20.38 -11.94 22.58
CA ILE A 225 19.21 -12.41 21.86
C ILE A 225 19.34 -12.06 20.39
N ARG A 226 18.94 -13.00 19.52
CA ARG A 226 18.92 -12.78 18.08
C ARG A 226 17.49 -12.82 17.58
N CYS A 227 17.07 -11.78 16.86
CA CYS A 227 15.70 -11.75 16.38
C CYS A 227 15.71 -11.65 14.88
N SER A 228 14.87 -12.48 14.26
CA SER A 228 14.72 -12.54 12.82
C SER A 228 13.25 -12.41 12.46
N CYS A 229 12.99 -11.83 11.29
CA CYS A 229 11.64 -11.66 10.79
C CYS A 229 11.44 -12.27 9.42
N SER A 230 10.40 -13.07 9.28
CA SER A 230 9.99 -13.56 7.97
C SER A 230 8.56 -13.18 7.70
N SER A 231 8.22 -12.85 6.46
CA SER A 231 6.83 -12.55 6.08
C SER A 231 5.94 -13.80 6.16
N THR A 232 6.56 -14.97 6.08
CA THR A 232 5.89 -16.25 6.30
C THR A 232 4.88 -16.24 7.45
N THR A 233 5.27 -15.65 8.58
CA THR A 233 4.39 -15.52 9.74
C THR A 233 4.18 -14.07 10.15
N TYR A 234 5.23 -13.25 9.99
CA TYR A 234 5.33 -11.90 10.55
C TYR A 234 5.28 -11.90 12.07
N GLN A 235 5.73 -13.00 12.66
CA GLN A 235 5.94 -13.07 14.09
C GLN A 235 7.43 -13.18 14.32
N LEU A 236 7.98 -12.22 15.05
CA LEU A 236 9.39 -12.20 15.38
C LEU A 236 9.87 -13.55 15.92
N ASN A 237 10.93 -14.09 15.33
CA ASN A 237 11.53 -15.32 15.80
C ASN A 237 12.76 -14.96 16.60
N CYS A 238 12.75 -15.24 17.89
CA CYS A 238 13.91 -14.97 18.72
C CYS A 238 14.55 -16.23 19.25
N THR A 239 15.87 -16.16 19.46
CA THR A 239 16.65 -17.29 19.91
C THR A 239 17.76 -16.77 20.80
N ALA A 240 18.20 -17.59 21.75
CA ALA A 240 19.30 -17.21 22.64
C ALA A 240 20.64 -17.42 21.94
N VAL A 241 21.56 -16.49 22.12
CA VAL A 241 22.75 -16.44 21.26
C VAL A 241 23.93 -17.32 21.74
N GLN A 242 24.12 -17.45 23.04
CA GLN A 242 25.18 -18.29 23.64
C GLN A 242 26.60 -17.72 23.53
N ASN A 243 26.75 -16.40 23.64
CA ASN A 243 27.95 -15.87 24.29
C ASN A 243 27.80 -16.40 25.74
N LYS A 244 28.87 -16.62 26.51
CA LYS A 244 28.60 -17.28 27.79
C LYS A 244 28.88 -16.34 28.97
N GLY A 245 29.03 -15.07 28.67
CA GLY A 245 28.83 -14.01 29.66
C GLY A 245 27.34 -13.67 29.80
N CYS A 246 26.50 -14.41 29.07
CA CYS A 246 25.06 -14.14 28.96
C CYS A 246 24.21 -14.87 30.02
N PRO A 247 23.22 -14.17 30.60
CA PRO A 247 22.33 -14.72 31.62
C PRO A 247 21.43 -15.82 31.09
N SER A 248 20.87 -16.62 31.99
CA SER A 248 19.93 -17.67 31.62
C SER A 248 18.66 -17.03 31.08
N VAL A 249 18.01 -17.74 30.17
CA VAL A 249 16.72 -17.32 29.64
C VAL A 249 15.63 -18.16 30.30
N PRO A 250 14.67 -17.49 30.98
CA PRO A 250 13.58 -18.16 31.68
C PRO A 250 12.61 -18.90 30.76
N LEU A 251 12.11 -20.04 31.25
CA LEU A 251 11.05 -20.76 30.58
C LEU A 251 9.74 -20.00 30.71
N CYS A 252 8.71 -20.51 30.09
CA CYS A 252 7.43 -19.90 30.30
C CYS A 252 6.74 -20.86 31.18
N ASN A 253 6.31 -20.37 32.32
CA ASN A 253 5.85 -21.27 33.35
C ASN A 253 7.03 -22.17 33.67
N GLY A 254 6.85 -23.45 33.49
CA GLY A 254 7.96 -24.34 33.51
C GLY A 254 7.85 -25.10 32.24
N THR A 255 8.98 -25.48 31.66
CA THR A 255 9.05 -26.43 30.55
C THR A 255 8.94 -25.93 29.13
N LEU A 256 8.64 -24.67 28.92
CA LEU A 256 8.62 -24.14 27.58
C LEU A 256 9.82 -23.28 27.47
N LYS A 257 10.74 -23.66 26.61
CA LYS A 257 11.95 -22.86 26.42
C LYS A 257 11.78 -21.88 25.25
N LEU A 258 12.65 -20.87 25.18
CA LEU A 258 12.54 -19.82 24.15
C LEU A 258 12.44 -20.43 22.76
N GLY A 259 11.39 -20.06 22.07
CA GLY A 259 11.10 -20.53 20.74
C GLY A 259 10.22 -21.75 20.69
N GLU A 260 10.07 -22.45 21.79
CA GLU A 260 9.31 -23.69 21.77
C GLU A 260 7.84 -23.41 21.78
N THR A 261 7.05 -24.34 21.27
CA THR A 261 5.63 -24.13 21.14
C THR A 261 4.86 -25.25 21.78
N ASN A 262 3.68 -24.93 22.28
CA ASN A 262 2.85 -25.90 22.91
C ASN A 262 1.51 -25.79 22.25
N GLY A 263 0.90 -26.91 21.95
CA GLY A 263 -0.35 -26.88 21.23
C GLY A 263 -0.14 -27.01 19.76
N THR A 264 -1.22 -26.90 19.01
CA THR A 264 -1.22 -27.33 17.64
C THR A 264 -1.15 -26.23 16.60
N GLY A 265 -2.28 -25.65 16.27
CA GLY A 265 -2.29 -24.64 15.25
C GLY A 265 -3.19 -23.54 15.68
N CYS A 266 -2.80 -22.31 15.39
CA CYS A 266 -3.72 -21.22 15.49
C CYS A 266 -4.14 -21.03 16.93
N GLY A 267 -4.34 -22.13 17.63
CA GLY A 267 -4.62 -22.06 19.05
C GLY A 267 -3.35 -22.44 19.80
N SER A 268 -2.27 -22.61 19.04
CA SER A 268 -0.97 -22.89 19.62
C SER A 268 -0.46 -21.70 20.40
N THR A 269 0.62 -21.93 21.12
CA THR A 269 1.15 -20.95 22.02
C THR A 269 2.66 -21.12 22.11
N THR A 270 3.38 -20.00 22.18
CA THR A 270 4.82 -20.03 21.97
C THR A 270 5.54 -19.25 23.02
N CYS A 271 6.69 -19.75 23.45
CA CYS A 271 7.53 -19.01 24.40
C CYS A 271 8.34 -17.93 23.72
N ALA A 272 7.91 -16.68 23.82
CA ALA A 272 8.55 -15.56 23.12
C ALA A 272 9.45 -14.67 23.98
N TYR A 273 10.33 -13.94 23.31
CA TYR A 273 11.16 -12.94 23.96
C TYR A 273 10.31 -11.71 24.23
N SER A 274 10.34 -11.23 25.46
CA SER A 274 9.50 -10.08 25.82
C SER A 274 10.32 -8.90 26.33
N GLY A 275 11.64 -9.08 26.43
CA GLY A 275 12.52 -7.96 26.66
C GLY A 275 13.63 -8.25 27.65
N TYR A 276 14.35 -7.19 27.98
CA TYR A 276 15.38 -7.32 29.00
C TYR A 276 15.36 -6.06 29.82
N SER A 277 16.11 -6.10 30.91
CA SER A 277 16.30 -4.94 31.76
C SER A 277 17.73 -4.92 32.26
N ASN A 278 18.27 -3.72 32.47
CA ASN A 278 19.66 -3.58 32.88
C ASN A 278 20.07 -2.94 34.18
N SER A 279 19.15 -2.62 35.08
CA SER A 279 19.56 -2.13 36.39
C SER A 279 20.23 -3.27 37.14
N SER A 280 21.40 -3.01 37.68
CA SER A 280 22.16 -4.02 38.39
C SER A 280 22.83 -5.05 37.49
N SER A 281 22.03 -5.80 36.74
CA SER A 281 22.58 -6.82 35.88
C SER A 281 21.59 -7.13 34.78
N LEU A 282 22.03 -7.82 33.75
CA LEU A 282 21.17 -8.06 32.63
C LEU A 282 20.22 -9.15 32.95
N ILE A 283 18.94 -8.84 32.83
CA ILE A 283 17.90 -9.84 33.01
C ILE A 283 17.06 -9.93 31.74
N ILE A 284 16.83 -11.15 31.29
CA ILE A 284 16.02 -11.38 30.12
C ILE A 284 14.66 -11.91 30.52
N GLN A 285 13.60 -11.37 29.92
CA GLN A 285 12.24 -11.83 30.16
C GLN A 285 11.63 -12.59 28.98
N THR A 286 10.79 -13.58 29.26
CA THR A 286 10.00 -14.23 28.23
C THR A 286 8.54 -14.29 28.62
N SER A 287 7.69 -14.56 27.62
CA SER A 287 6.26 -14.66 27.86
C SER A 287 5.58 -15.48 26.77
N LEU A 288 4.54 -16.18 27.17
CA LEU A 288 3.74 -16.97 26.26
C LEU A 288 3.07 -16.06 25.23
N ALA A 289 3.16 -16.43 23.96
CA ALA A 289 2.47 -15.70 22.90
C ALA A 289 1.44 -16.61 22.26
N THR A 290 0.26 -16.04 22.01
CA THR A 290 -0.77 -16.76 21.28
C THR A 290 -0.42 -16.70 19.80
N ASN A 291 -0.83 -17.71 19.03
CA ASN A 291 -0.60 -17.66 17.59
C ASN A 291 -1.34 -16.46 17.00
N GLN A 292 -0.58 -15.54 16.41
CA GLN A 292 -1.11 -14.32 15.84
C GLN A 292 -1.51 -14.45 14.36
N ALA B 1 -22.22 -20.15 -7.44
CA ALA B 1 -21.19 -19.82 -6.47
C ALA B 1 -19.98 -19.20 -7.15
N ASN B 2 -20.05 -17.92 -7.49
CA ASN B 2 -18.92 -17.24 -8.12
C ASN B 2 -18.36 -16.27 -7.11
N PHE B 3 -19.08 -15.17 -6.92
CA PHE B 3 -18.74 -14.20 -5.93
C PHE B 3 -20.05 -14.09 -5.22
N THR B 4 -20.07 -14.09 -3.90
CA THR B 4 -21.31 -13.98 -3.18
C THR B 4 -21.74 -12.56 -2.91
N CYS B 5 -23.04 -12.34 -2.94
CA CYS B 5 -23.61 -11.05 -2.64
C CYS B 5 -24.75 -11.28 -1.68
N ALA B 6 -24.88 -10.45 -0.65
CA ALA B 6 -25.93 -10.64 0.31
C ALA B 6 -26.94 -9.53 0.33
N VAL B 7 -26.81 -8.57 -0.56
CA VAL B 7 -27.72 -7.46 -0.58
C VAL B 7 -29.05 -7.80 -1.19
N ALA B 8 -29.98 -6.90 -1.04
CA ALA B 8 -31.31 -7.12 -1.56
C ALA B 8 -31.26 -7.40 -3.06
N SER B 9 -31.99 -8.43 -3.48
CA SER B 9 -32.08 -8.78 -4.88
C SER B 9 -32.40 -7.57 -5.75
N GLY B 10 -31.68 -7.45 -6.87
CA GLY B 10 -31.95 -6.41 -7.84
C GLY B 10 -31.03 -5.21 -7.70
N THR B 11 -30.36 -5.12 -6.54
CA THR B 11 -29.36 -4.10 -6.30
C THR B 11 -28.30 -4.10 -7.39
N THR B 12 -28.05 -2.93 -7.97
CA THR B 12 -26.98 -2.77 -8.94
C THR B 12 -25.83 -1.96 -8.37
N CYS B 13 -24.62 -2.25 -8.85
CA CYS B 13 -23.43 -1.54 -8.42
C CYS B 13 -22.40 -1.55 -9.55
N LYS B 14 -21.27 -0.89 -9.31
CA LYS B 14 -20.15 -0.90 -10.22
C LYS B 14 -19.06 -1.86 -9.72
N SER B 15 -18.64 -2.81 -10.54
CA SER B 15 -17.53 -3.71 -10.20
C SER B 15 -16.56 -3.76 -11.34
N ALA B 16 -15.63 -4.68 -11.27
CA ALA B 16 -14.63 -4.76 -12.31
C ALA B 16 -13.85 -6.07 -12.31
N ILE B 17 -13.17 -6.32 -13.41
CA ILE B 17 -12.33 -7.50 -13.51
C ILE B 17 -10.97 -7.02 -13.92
N LEU B 18 -9.92 -7.71 -13.49
CA LEU B 18 -8.61 -7.38 -13.97
C LEU B 18 -8.37 -8.24 -15.21
N TYR B 19 -8.72 -7.66 -16.36
CA TYR B 19 -8.67 -8.37 -17.61
C TYR B 19 -7.26 -8.50 -18.07
N THR B 20 -6.87 -9.71 -18.43
CA THR B 20 -5.52 -9.95 -18.96
C THR B 20 -5.68 -10.28 -20.44
N SER B 21 -5.01 -9.50 -21.29
CA SER B 21 -5.29 -9.53 -22.71
C SER B 21 -4.47 -10.59 -23.44
N PRO B 22 -5.16 -11.55 -24.09
CA PRO B 22 -4.49 -12.59 -24.87
C PRO B 22 -3.66 -11.99 -26.02
N ASN B 23 -4.27 -11.20 -26.89
CA ASN B 23 -3.48 -10.53 -27.92
C ASN B 23 -3.34 -9.02 -27.68
N ALA B 24 -2.54 -8.38 -28.51
CA ALA B 24 -2.46 -6.92 -28.52
C ALA B 24 -3.80 -6.34 -28.96
N THR B 25 -4.18 -5.23 -28.34
CA THR B 25 -5.34 -4.45 -28.78
C THR B 25 -5.17 -2.98 -28.46
N THR B 26 -6.30 -2.31 -28.39
CA THR B 26 -6.39 -0.92 -28.02
C THR B 26 -7.57 -0.80 -27.07
N TYR B 27 -7.65 0.32 -26.35
CA TYR B 27 -8.72 0.51 -25.39
C TYR B 27 -10.07 0.54 -26.08
N GLY B 28 -10.12 1.15 -27.27
CA GLY B 28 -11.32 1.20 -28.07
C GLY B 28 -11.86 -0.18 -28.38
N ASN B 29 -10.96 -1.12 -28.68
CA ASN B 29 -11.32 -2.51 -28.91
C ASN B 29 -11.93 -3.14 -27.67
N LEU B 30 -11.36 -2.85 -26.51
CA LEU B 30 -11.89 -3.40 -25.26
C LEU B 30 -13.29 -2.87 -25.03
N VAL B 31 -13.49 -1.59 -25.32
CA VAL B 31 -14.79 -0.96 -25.13
C VAL B 31 -15.84 -1.58 -26.05
N ALA B 32 -15.49 -1.83 -27.29
CA ALA B 32 -16.41 -2.51 -28.22
C ALA B 32 -16.67 -3.96 -27.81
N ARG B 33 -15.61 -4.68 -27.47
CA ARG B 33 -15.74 -6.06 -27.06
C ARG B 33 -16.64 -6.24 -25.83
N PHE B 34 -16.50 -5.37 -24.84
CA PHE B 34 -17.26 -5.57 -23.62
C PHE B 34 -18.57 -4.80 -23.63
N ASN B 35 -18.54 -3.55 -24.11
CA ASN B 35 -19.70 -2.64 -24.11
C ASN B 35 -20.35 -2.55 -22.72
N THR B 36 -19.55 -2.74 -21.68
CA THR B 36 -19.98 -2.55 -20.29
C THR B 36 -19.70 -1.11 -19.82
N THR B 37 -18.77 -0.44 -20.47
CA THR B 37 -18.32 0.88 -20.07
C THR B 37 -17.99 1.72 -21.29
N THR B 38 -17.95 3.04 -21.10
CA THR B 38 -17.49 3.97 -22.12
C THR B 38 -15.98 4.07 -22.08
N LEU B 39 -15.42 4.59 -23.17
CA LEU B 39 -14.00 4.86 -23.22
C LEU B 39 -13.50 5.79 -22.10
N PRO B 40 -14.16 6.95 -21.90
CA PRO B 40 -13.57 7.82 -20.87
C PRO B 40 -13.65 7.22 -19.46
N ASP B 41 -14.70 6.46 -19.16
CA ASP B 41 -14.73 5.71 -17.89
C ASP B 41 -13.73 4.55 -17.86
N LEU B 42 -13.41 3.98 -19.02
CA LEU B 42 -12.40 2.92 -19.07
C LEU B 42 -11.04 3.51 -18.79
N LEU B 43 -10.75 4.66 -19.38
CA LEU B 43 -9.51 5.35 -19.07
C LEU B 43 -9.41 5.68 -17.58
N GLY B 44 -10.48 6.23 -17.00
CA GLY B 44 -10.51 6.63 -15.61
C GLY B 44 -10.30 5.47 -14.64
N ALA B 45 -10.92 4.34 -14.95
CA ALA B 45 -10.78 3.11 -14.16
C ALA B 45 -9.34 2.63 -14.07
N ASN B 46 -8.49 3.12 -14.98
CA ASN B 46 -7.10 2.66 -15.04
C ASN B 46 -6.12 3.81 -14.81
N GLY B 47 -6.68 4.96 -14.44
CA GLY B 47 -5.87 6.11 -14.05
C GLY B 47 -5.07 6.65 -15.22
N LEU B 48 -5.62 6.54 -16.41
CA LEU B 48 -4.93 7.02 -17.60
C LEU B 48 -5.35 8.45 -17.90
N PRO B 49 -4.44 9.25 -18.46
CA PRO B 49 -4.77 10.66 -18.72
C PRO B 49 -6.03 10.76 -19.56
N ASP B 50 -6.88 11.75 -19.29
CA ASP B 50 -8.16 11.91 -20.02
C ASP B 50 -7.92 11.93 -21.53
N GLY B 51 -6.75 12.41 -21.96
CA GLY B 51 -6.46 12.59 -23.37
C GLY B 51 -5.92 11.38 -24.14
N THR B 52 -5.94 10.22 -23.49
CA THR B 52 -5.53 8.98 -24.13
C THR B 52 -6.46 8.59 -25.28
N LEU B 53 -5.87 8.29 -26.43
CA LEU B 53 -6.61 8.01 -27.62
C LEU B 53 -7.21 6.62 -27.57
N SER B 54 -8.39 6.50 -28.17
CA SER B 54 -9.10 5.25 -28.25
C SER B 54 -8.18 4.13 -28.74
N SER B 55 -7.18 4.51 -29.54
CA SER B 55 -6.32 3.52 -30.20
C SER B 55 -4.99 3.34 -29.49
N ALA B 56 -4.87 3.88 -28.28
CA ALA B 56 -3.70 3.59 -27.45
C ALA B 56 -3.59 2.08 -27.29
N PRO B 57 -2.41 1.54 -27.61
CA PRO B 57 -2.26 0.08 -27.60
C PRO B 57 -2.24 -0.48 -26.19
N VAL B 58 -2.72 -1.70 -26.05
CA VAL B 58 -2.56 -2.47 -24.85
C VAL B 58 -1.83 -3.76 -25.22
N ALA B 59 -0.68 -3.98 -24.58
CA ALA B 59 0.19 -5.11 -24.89
C ALA B 59 -0.53 -6.44 -24.68
N ALA B 60 -0.10 -7.48 -25.37
CA ALA B 60 -0.59 -8.81 -25.03
C ALA B 60 -0.02 -9.16 -23.64
N ASN B 61 -0.73 -10.04 -22.95
CA ASN B 61 -0.37 -10.46 -21.58
C ASN B 61 -0.36 -9.32 -20.57
N SER B 62 -0.80 -8.13 -20.96
CA SER B 62 -0.89 -7.02 -19.99
C SER B 62 -2.32 -6.89 -19.48
N THR B 63 -2.47 -6.30 -18.29
CA THR B 63 -3.78 -6.22 -17.65
C THR B 63 -4.44 -4.85 -17.79
N VAL B 64 -5.77 -4.87 -17.89
CA VAL B 64 -6.57 -3.65 -17.86
C VAL B 64 -7.71 -3.89 -16.88
N LYS B 65 -8.06 -2.89 -16.08
CA LYS B 65 -9.25 -3.06 -15.23
C LYS B 65 -10.44 -2.68 -16.06
N ILE B 66 -11.46 -3.52 -16.06
CA ILE B 66 -12.66 -3.23 -16.81
C ILE B 66 -13.91 -3.15 -15.93
N PRO B 67 -14.45 -1.93 -15.72
CA PRO B 67 -15.65 -1.78 -14.89
C PRO B 67 -16.90 -2.18 -15.63
N PHE B 68 -17.88 -2.61 -14.87
CA PHE B 68 -19.19 -2.96 -15.35
C PHE B 68 -20.20 -2.85 -14.21
N ARG B 69 -21.47 -2.92 -14.50
CA ARG B 69 -22.50 -2.96 -13.50
C ARG B 69 -22.83 -4.38 -13.05
N CYS B 70 -22.71 -4.73 -11.75
CA CYS B 70 -22.91 -6.11 -11.34
C CYS B 70 -24.30 -6.71 -11.34
N ARG B 71 -25.28 -6.08 -10.72
CA ARG B 71 -26.52 -6.84 -10.48
C ARG B 71 -26.47 -8.13 -9.63
N CYS B 72 -27.15 -8.07 -8.54
CA CYS B 72 -27.21 -9.15 -7.61
C CYS B 72 -28.60 -9.68 -7.42
N ASN B 73 -28.76 -10.98 -7.50
CA ASN B 73 -30.03 -11.61 -7.14
C ASN B 73 -29.76 -11.88 -5.65
N GLY B 74 -30.60 -12.66 -5.00
CA GLY B 74 -30.31 -13.00 -3.62
C GLY B 74 -28.99 -13.58 -3.16
N ASP B 75 -28.35 -14.32 -4.05
CA ASP B 75 -27.23 -15.17 -3.68
C ASP B 75 -25.90 -14.55 -4.07
N VAL B 76 -25.90 -13.95 -5.26
CA VAL B 76 -24.73 -13.87 -6.09
C VAL B 76 -24.72 -12.60 -6.97
N GLY B 77 -23.52 -12.16 -7.36
CA GLY B 77 -23.39 -11.02 -8.25
C GLY B 77 -22.89 -11.37 -9.63
N GLN B 78 -23.61 -10.87 -10.64
CA GLN B 78 -23.27 -11.14 -12.01
C GLN B 78 -23.31 -9.86 -12.80
N SER B 79 -22.42 -9.76 -13.78
CA SER B 79 -22.43 -8.59 -14.62
C SER B 79 -23.81 -8.54 -15.29
N ASP B 80 -24.46 -7.39 -15.22
CA ASP B 80 -25.89 -7.27 -15.52
C ASP B 80 -26.21 -7.38 -17.01
N ARG B 81 -26.39 -8.61 -17.46
CA ARG B 81 -26.75 -8.88 -18.85
C ARG B 81 -25.70 -8.43 -19.88
N LEU B 82 -24.55 -8.01 -19.38
CA LEU B 82 -23.41 -7.72 -20.23
C LEU B 82 -22.22 -8.42 -19.57
N PRO B 83 -21.14 -8.70 -20.33
CA PRO B 83 -21.00 -8.50 -21.76
C PRO B 83 -21.72 -9.57 -22.59
N ILE B 84 -21.79 -9.31 -23.89
CA ILE B 84 -22.40 -10.26 -24.79
C ILE B 84 -21.35 -10.72 -25.80
N TYR B 85 -21.30 -12.02 -25.99
CA TYR B 85 -20.33 -12.61 -26.89
C TYR B 85 -21.06 -13.29 -28.05
N VAL B 86 -20.69 -12.94 -29.27
CA VAL B 86 -21.24 -13.60 -30.43
C VAL B 86 -20.37 -14.77 -30.89
N VAL B 87 -20.95 -15.97 -30.86
CA VAL B 87 -20.19 -17.20 -31.06
C VAL B 87 -19.67 -17.30 -32.49
N GLN B 88 -18.45 -17.81 -32.61
CA GLN B 88 -17.77 -17.99 -33.88
C GLN B 88 -17.78 -19.47 -34.26
N PRO B 89 -17.61 -19.78 -35.54
CA PRO B 89 -17.49 -21.18 -35.99
C PRO B 89 -16.39 -21.93 -35.23
N GLN B 90 -16.74 -23.11 -34.73
CA GLN B 90 -15.86 -24.02 -33.97
C GLN B 90 -15.65 -23.67 -32.51
N ASP B 91 -16.30 -22.62 -32.01
CA ASP B 91 -16.20 -22.28 -30.59
C ASP B 91 -16.89 -23.30 -29.70
N GLY B 92 -16.34 -23.47 -28.50
CA GLY B 92 -16.99 -24.21 -27.43
C GLY B 92 -17.13 -23.28 -26.25
N LEU B 93 -18.06 -23.59 -25.34
CA LEU B 93 -18.26 -22.74 -24.16
C LEU B 93 -17.01 -22.65 -23.28
N ASP B 94 -16.25 -23.73 -23.25
CA ASP B 94 -15.09 -23.81 -22.37
C ASP B 94 -13.95 -22.95 -22.92
N ALA B 95 -13.66 -23.09 -24.19
CA ALA B 95 -12.63 -22.27 -24.82
C ALA B 95 -13.03 -20.79 -24.72
N ILE B 96 -14.33 -20.51 -24.81
CA ILE B 96 -14.83 -19.15 -24.71
C ILE B 96 -14.55 -18.63 -23.31
N ALA B 97 -14.93 -19.41 -22.31
CA ALA B 97 -14.68 -19.06 -20.91
C ALA B 97 -13.19 -18.87 -20.63
N ARG B 98 -12.39 -19.84 -21.03
CA ARG B 98 -10.98 -19.85 -20.70
C ARG B 98 -10.13 -18.90 -21.54
N ASN B 99 -10.42 -18.79 -22.83
CA ASN B 99 -9.50 -18.06 -23.71
C ASN B 99 -9.98 -16.69 -24.16
N VAL B 100 -11.22 -16.34 -23.81
CA VAL B 100 -11.72 -15.02 -24.17
C VAL B 100 -11.86 -14.25 -22.90
N PHE B 101 -12.36 -14.92 -21.86
CA PHE B 101 -12.65 -14.24 -20.59
C PHE B 101 -11.80 -14.74 -19.40
N ASN B 102 -10.54 -15.07 -19.67
CA ASN B 102 -9.56 -15.35 -18.61
C ASN B 102 -10.00 -16.37 -17.54
N ALA B 103 -10.97 -17.21 -17.85
CA ALA B 103 -11.51 -18.19 -16.89
C ALA B 103 -12.24 -17.50 -15.71
N PHE B 104 -12.64 -16.24 -15.91
CA PHE B 104 -13.45 -15.55 -14.90
C PHE B 104 -14.80 -16.21 -14.67
N VAL B 105 -15.32 -16.83 -15.72
CA VAL B 105 -16.50 -17.67 -15.61
C VAL B 105 -16.16 -19.06 -16.01
N THR B 106 -17.05 -19.99 -15.65
CA THR B 106 -16.92 -21.38 -16.04
C THR B 106 -17.96 -21.69 -17.11
N TYR B 107 -17.74 -22.71 -17.94
CA TYR B 107 -18.68 -22.99 -19.02
C TYR B 107 -20.04 -23.40 -18.45
N GLN B 108 -20.03 -24.13 -17.34
CA GLN B 108 -21.26 -24.41 -16.59
C GLN B 108 -22.03 -23.14 -16.25
N GLU B 109 -21.32 -22.05 -15.96
CA GLU B 109 -21.97 -20.78 -15.64
C GLU B 109 -22.51 -20.07 -16.89
N ILE B 110 -21.73 -20.02 -17.97
CA ILE B 110 -22.23 -19.52 -19.25
C ILE B 110 -23.50 -20.27 -19.68
N ALA B 111 -23.43 -21.60 -19.66
CA ALA B 111 -24.56 -22.44 -20.03
C ALA B 111 -25.76 -22.16 -19.14
N ALA B 112 -25.54 -21.98 -17.85
CA ALA B 112 -26.66 -21.79 -16.94
C ALA B 112 -27.36 -20.45 -17.19
N ALA B 113 -26.60 -19.39 -17.39
CA ALA B 113 -27.17 -18.06 -17.59
C ALA B 113 -27.89 -17.91 -18.94
N ASN B 114 -27.54 -18.76 -19.89
CA ASN B 114 -28.09 -18.62 -21.24
C ASN B 114 -29.08 -19.73 -21.60
N ASN B 115 -29.49 -20.47 -20.57
CA ASN B 115 -30.42 -21.60 -20.67
C ASN B 115 -30.00 -22.60 -21.75
N ILE B 116 -28.73 -22.95 -21.75
CA ILE B 116 -28.20 -23.92 -22.69
C ILE B 116 -28.13 -25.27 -22.02
N PRO B 117 -28.91 -26.22 -22.55
CA PRO B 117 -29.12 -27.56 -21.99
C PRO B 117 -27.89 -28.46 -22.13
N ASP B 118 -27.33 -28.56 -23.34
CA ASP B 118 -26.07 -29.26 -23.48
C ASP B 118 -24.94 -28.31 -23.85
N PRO B 119 -24.01 -28.10 -22.91
CA PRO B 119 -22.88 -27.17 -23.05
C PRO B 119 -22.05 -27.38 -24.32
N ASN B 120 -22.07 -28.56 -24.92
CA ASN B 120 -21.32 -28.79 -26.16
C ASN B 120 -22.11 -28.32 -27.39
N LYS B 121 -23.37 -27.99 -27.21
CA LYS B 121 -24.18 -27.62 -28.36
C LYS B 121 -24.56 -26.13 -28.36
N ILE B 122 -23.80 -25.36 -29.12
CA ILE B 122 -24.07 -23.94 -29.34
C ILE B 122 -23.88 -23.62 -30.83
N ASN B 123 -24.46 -22.51 -31.28
CA ASN B 123 -24.33 -22.10 -32.66
C ASN B 123 -23.45 -20.93 -33.00
N VAL B 124 -22.87 -21.02 -34.18
CA VAL B 124 -22.41 -19.84 -34.90
C VAL B 124 -23.45 -18.72 -34.79
N SER B 125 -22.98 -17.51 -34.47
CA SER B 125 -23.78 -16.28 -34.40
C SER B 125 -24.77 -16.24 -33.23
N GLN B 126 -24.64 -17.19 -32.33
CA GLN B 126 -25.46 -17.14 -31.13
C GLN B 126 -24.87 -16.09 -30.17
N THR B 127 -25.74 -15.39 -29.44
CA THR B 127 -25.25 -14.40 -28.49
C THR B 127 -25.29 -14.93 -27.06
N LEU B 128 -24.19 -14.77 -26.33
CA LEU B 128 -24.11 -15.27 -24.96
C LEU B 128 -23.91 -14.17 -23.94
N TRP B 129 -24.78 -14.15 -22.95
CA TRP B 129 -24.51 -13.32 -21.81
C TRP B 129 -23.42 -13.96 -20.94
N ILE B 130 -22.24 -13.36 -20.94
CA ILE B 130 -21.17 -13.79 -20.03
C ILE B 130 -21.37 -13.16 -18.66
N PRO B 131 -21.66 -13.99 -17.63
CA PRO B 131 -21.98 -13.48 -16.30
C PRO B 131 -20.73 -13.34 -15.38
N LEU B 132 -20.00 -12.28 -15.52
CA LEU B 132 -18.84 -12.07 -14.72
C LEU B 132 -19.12 -11.95 -13.26
N PRO B 133 -18.21 -12.52 -12.50
CA PRO B 133 -18.20 -12.39 -11.05
C PRO B 133 -17.98 -11.00 -10.47
N CYS B 134 -18.85 -10.73 -9.56
CA CYS B 134 -19.04 -9.46 -8.98
C CYS B 134 -19.93 -9.50 -7.74
N SER B 135 -19.94 -8.39 -7.05
CA SER B 135 -20.69 -8.23 -5.83
C SER B 135 -20.94 -6.80 -5.58
N CYS B 136 -21.85 -6.47 -4.73
CA CYS B 136 -22.02 -5.09 -4.35
C CYS B 136 -22.13 -4.94 -2.82
N ASP B 137 -21.59 -5.92 -2.10
CA ASP B 137 -21.56 -5.99 -0.65
C ASP B 137 -20.62 -4.99 -0.02
N LYS B 138 -20.84 -4.59 1.23
CA LYS B 138 -19.91 -3.67 1.89
C LYS B 138 -18.89 -4.49 2.63
N GLU B 139 -17.82 -3.84 3.07
CA GLU B 139 -16.77 -4.55 3.78
C GLU B 139 -16.60 -3.97 5.15
N GLU B 140 -17.20 -4.62 6.15
CA GLU B 140 -17.24 -4.09 7.51
C GLU B 140 -17.81 -2.69 7.49
N GLY B 141 -19.02 -2.55 6.93
CA GLY B 141 -19.72 -1.29 6.95
C GLY B 141 -19.34 -0.32 5.84
N SER B 142 -18.14 -0.47 5.30
CA SER B 142 -17.66 0.50 4.31
C SER B 142 -17.91 0.07 2.87
N ASN B 143 -18.34 1.04 2.05
CA ASN B 143 -18.43 0.84 0.62
C ASN B 143 -17.09 0.42 0.04
N VAL B 144 -17.12 -0.53 -0.88
CA VAL B 144 -15.94 -0.94 -1.64
C VAL B 144 -16.31 -1.21 -3.10
N MET B 145 -15.30 -1.16 -3.97
CA MET B 145 -15.49 -1.68 -5.29
C MET B 145 -14.86 -3.06 -5.38
N HIS B 146 -15.65 -4.05 -5.80
CA HIS B 146 -15.13 -5.40 -5.92
C HIS B 146 -14.41 -5.59 -7.25
N LEU B 147 -13.16 -6.03 -7.17
CA LEU B 147 -12.35 -6.36 -8.34
C LEU B 147 -12.16 -7.88 -8.45
N ALA B 148 -12.51 -8.45 -9.58
CA ALA B 148 -12.28 -9.88 -9.79
C ALA B 148 -10.84 -10.09 -10.31
N TYR B 149 -10.06 -10.85 -9.56
CA TYR B 149 -8.64 -11.00 -9.85
C TYR B 149 -8.27 -12.46 -10.07
N SER B 150 -7.51 -12.73 -11.12
CA SER B 150 -7.01 -14.08 -11.42
C SER B 150 -5.57 -14.24 -10.99
N VAL B 151 -5.34 -15.14 -10.03
CA VAL B 151 -4.01 -15.31 -9.42
C VAL B 151 -2.94 -15.74 -10.43
N GLY B 152 -1.83 -15.02 -10.47
CA GLY B 152 -0.72 -15.38 -11.32
C GLY B 152 0.11 -16.53 -10.76
N LYS B 153 1.22 -16.82 -11.42
CA LYS B 153 2.06 -17.94 -11.01
C LYS B 153 3.01 -17.51 -9.87
N GLY B 154 2.90 -18.19 -8.74
CA GLY B 154 3.81 -17.95 -7.62
C GLY B 154 3.46 -16.73 -6.79
N GLU B 155 2.29 -16.16 -7.05
CA GLU B 155 1.77 -15.07 -6.24
C GLU B 155 1.21 -15.59 -4.93
N ASN B 156 1.17 -14.71 -3.92
CA ASN B 156 0.50 -15.02 -2.67
C ASN B 156 -0.38 -13.87 -2.21
N THR B 157 -1.24 -14.16 -1.24
CA THR B 157 -2.21 -13.18 -0.74
C THR B 157 -1.54 -11.92 -0.15
N SER B 158 -0.30 -12.04 0.28
CA SER B 158 0.41 -10.91 0.88
C SER B 158 0.71 -9.80 -0.14
N ALA B 159 1.40 -10.17 -1.22
CA ALA B 159 1.78 -9.19 -2.23
C ALA B 159 0.54 -8.61 -2.93
N ILE B 160 -0.45 -9.46 -3.16
CA ILE B 160 -1.70 -9.06 -3.82
C ILE B 160 -2.44 -8.00 -3.01
N ALA B 161 -2.62 -8.26 -1.73
CA ALA B 161 -3.34 -7.35 -0.84
C ALA B 161 -2.63 -5.99 -0.79
N ALA B 162 -1.31 -6.01 -0.81
CA ALA B 162 -0.53 -4.78 -0.80
C ALA B 162 -0.73 -4.04 -2.11
N LYS B 163 -0.86 -4.79 -3.20
CA LYS B 163 -0.99 -4.14 -4.50
C LYS B 163 -2.29 -3.34 -4.59
N TYR B 164 -3.30 -3.72 -3.80
CA TYR B 164 -4.62 -3.12 -3.93
C TYR B 164 -5.12 -2.43 -2.66
N GLY B 165 -4.24 -2.25 -1.68
CA GLY B 165 -4.57 -1.47 -0.51
C GLY B 165 -5.49 -2.16 0.47
N VAL B 166 -5.47 -3.47 0.44
CA VAL B 166 -6.26 -4.28 1.29
C VAL B 166 -5.32 -4.90 2.28
N THR B 167 -5.87 -5.55 3.28
CA THR B 167 -5.06 -6.22 4.28
C THR B 167 -5.23 -7.66 3.99
N GLU B 168 -4.19 -8.45 4.19
CA GLU B 168 -4.28 -9.86 3.93
C GLU B 168 -5.48 -10.41 4.65
N SER B 169 -5.81 -9.81 5.77
CA SER B 169 -6.94 -10.23 6.55
C SER B 169 -8.24 -10.12 5.79
N THR B 170 -8.59 -8.91 5.40
CA THR B 170 -9.83 -8.69 4.67
C THR B 170 -9.90 -9.49 3.39
N LEU B 171 -8.79 -9.62 2.72
CA LEU B 171 -8.74 -10.43 1.52
C LEU B 171 -9.07 -11.90 1.80
N LEU B 172 -8.53 -12.44 2.89
CA LEU B 172 -8.70 -13.86 3.22
C LEU B 172 -10.06 -14.17 3.81
N THR B 173 -10.56 -13.28 4.65
CA THR B 173 -11.88 -13.49 5.23
C THR B 173 -12.92 -13.45 4.12
N ARG B 174 -12.86 -12.40 3.30
CA ARG B 174 -13.77 -12.22 2.16
C ARG B 174 -13.86 -13.45 1.26
N ASN B 175 -12.69 -13.96 0.89
CA ASN B 175 -12.60 -15.07 -0.05
C ASN B 175 -12.60 -16.44 0.62
N LYS B 176 -13.09 -16.48 1.87
CA LYS B 176 -13.17 -17.70 2.69
C LYS B 176 -12.00 -18.68 2.50
N ILE B 177 -10.78 -18.17 2.61
CA ILE B 177 -9.58 -18.98 2.57
C ILE B 177 -9.09 -19.21 4.00
N ASP B 178 -8.55 -20.41 4.26
CA ASP B 178 -8.21 -20.82 5.65
C ASP B 178 -6.70 -20.67 5.90
N ASP B 179 -5.93 -20.87 4.85
CA ASP B 179 -4.48 -20.87 4.84
C ASP B 179 -3.88 -20.36 3.50
N PRO B 180 -3.35 -19.08 3.50
CA PRO B 180 -2.81 -18.38 2.30
C PRO B 180 -1.95 -19.24 1.40
N THR B 181 -1.44 -20.35 1.88
CA THR B 181 -0.52 -21.11 1.06
C THR B 181 -1.17 -22.11 0.10
N LYS B 182 -2.50 -22.29 0.13
CA LYS B 182 -3.11 -23.19 -0.86
C LYS B 182 -3.60 -22.35 -2.04
N LEU B 183 -2.89 -21.27 -2.34
CA LEU B 183 -3.32 -20.37 -3.41
C LEU B 183 -3.01 -20.96 -4.79
N GLN B 184 -4.05 -21.31 -5.53
CA GLN B 184 -3.96 -21.93 -6.85
C GLN B 184 -3.75 -20.89 -7.96
N MET B 185 -2.84 -21.15 -8.88
CA MET B 185 -2.72 -20.26 -10.04
C MET B 185 -4.00 -20.26 -10.86
N GLY B 186 -4.49 -19.06 -11.21
CA GLY B 186 -5.70 -18.94 -11.98
C GLY B 186 -6.94 -18.93 -11.12
N GLN B 187 -6.77 -19.04 -9.81
CA GLN B 187 -7.88 -18.94 -8.89
C GLN B 187 -8.52 -17.56 -8.98
N ILE B 188 -9.84 -17.48 -8.91
CA ILE B 188 -10.46 -16.17 -8.98
C ILE B 188 -10.78 -15.63 -7.59
N LEU B 189 -10.10 -14.55 -7.22
CA LEU B 189 -10.31 -13.88 -5.95
C LEU B 189 -11.22 -12.66 -6.08
N ASP B 190 -12.10 -12.48 -5.12
CA ASP B 190 -12.83 -11.24 -4.94
C ASP B 190 -12.02 -10.29 -4.05
N VAL B 191 -11.50 -9.22 -4.66
CA VAL B 191 -10.73 -8.21 -3.94
C VAL B 191 -11.57 -6.95 -3.70
N PRO B 192 -11.92 -6.67 -2.42
CA PRO B 192 -12.73 -5.50 -2.05
C PRO B 192 -11.90 -4.23 -1.97
N LEU B 193 -11.88 -3.45 -3.05
CA LEU B 193 -11.08 -2.24 -3.11
C LEU B 193 -11.77 -1.14 -2.31
N PRO B 194 -11.01 -0.47 -1.43
CA PRO B 194 -11.52 0.71 -0.72
C PRO B 194 -11.73 1.89 -1.67
N VAL B 195 -12.79 2.66 -1.45
CA VAL B 195 -13.11 3.77 -2.34
C VAL B 195 -13.27 5.06 -1.56
N CYS B 196 -13.13 6.18 -2.26
CA CYS B 196 -13.39 7.49 -1.67
C CYS B 196 -14.78 7.62 -1.08
N ARG B 197 -14.87 8.39 0.00
CA ARG B 197 -16.17 8.77 0.54
C ARG B 197 -16.75 9.86 -0.33
N SER B 198 -18.05 9.83 -0.57
CA SER B 198 -18.68 10.90 -1.32
C SER B 198 -19.89 11.49 -0.55
N SER B 199 -20.48 12.55 -1.11
CA SER B 199 -21.71 13.12 -0.57
C SER B 199 -22.88 12.76 -1.45
N ILE B 200 -22.74 11.70 -2.24
CA ILE B 200 -23.78 11.39 -3.19
C ILE B 200 -24.97 10.80 -2.46
N SER B 201 -26.12 11.45 -2.61
CA SER B 201 -27.37 10.96 -2.08
C SER B 201 -27.72 9.56 -2.52
N ASP B 202 -28.50 8.86 -1.70
CA ASP B 202 -28.91 7.50 -2.04
C ASP B 202 -30.10 7.47 -3.00
N THR B 203 -30.61 8.65 -3.30
CA THR B 203 -31.74 8.78 -4.18
C THR B 203 -31.25 9.05 -5.62
N SER B 204 -29.95 9.28 -5.74
CA SER B 204 -29.35 9.62 -7.02
C SER B 204 -29.20 8.42 -7.95
N ALA B 205 -29.36 8.67 -9.25
CA ALA B 205 -29.11 7.67 -10.30
C ALA B 205 -27.74 6.98 -10.20
N ASP B 206 -26.70 7.73 -9.85
CA ASP B 206 -25.36 7.14 -9.74
C ASP B 206 -25.02 6.68 -8.34
N HIS B 207 -26.03 6.37 -7.53
CA HIS B 207 -25.82 6.01 -6.13
C HIS B 207 -24.65 5.02 -5.91
N ASN B 208 -24.75 3.79 -6.42
CA ASN B 208 -23.65 2.84 -6.21
C ASN B 208 -22.69 2.73 -7.38
N LEU B 209 -22.66 3.75 -8.24
CA LEU B 209 -21.83 3.70 -9.44
C LEU B 209 -20.53 4.48 -9.29
N MET B 210 -20.51 5.42 -8.35
CA MET B 210 -19.33 6.24 -8.12
C MET B 210 -18.48 5.67 -6.99
N LEU B 211 -17.98 4.47 -7.24
CA LEU B 211 -17.05 3.79 -6.37
C LEU B 211 -15.69 3.86 -7.00
N LEU B 212 -14.87 4.82 -6.56
CA LEU B 212 -13.62 5.03 -7.22
C LEU B 212 -12.47 4.73 -6.29
N PRO B 213 -11.74 3.65 -6.59
CA PRO B 213 -10.55 3.36 -5.76
C PRO B 213 -9.49 4.40 -5.99
N ASP B 214 -8.40 4.34 -5.22
CA ASP B 214 -7.33 5.34 -5.33
C ASP B 214 -6.69 5.38 -6.72
N GLY B 215 -6.35 6.59 -7.17
CA GLY B 215 -5.71 6.77 -8.46
C GLY B 215 -6.63 6.67 -9.67
N THR B 216 -7.94 6.61 -9.45
CA THR B 216 -8.88 6.51 -10.56
C THR B 216 -9.87 7.68 -10.55
N TYR B 217 -10.53 7.86 -11.67
CA TYR B 217 -11.57 8.84 -11.82
C TYR B 217 -12.65 8.26 -12.73
N GLY B 218 -13.75 8.99 -12.89
CA GLY B 218 -14.89 8.52 -13.65
C GLY B 218 -15.80 9.70 -13.95
N PHE B 219 -16.84 9.46 -14.72
CA PHE B 219 -17.76 10.54 -15.08
C PHE B 219 -19.17 10.14 -14.71
N THR B 220 -20.02 11.13 -14.54
CA THR B 220 -21.40 10.85 -14.19
C THR B 220 -22.24 12.03 -14.62
N ALA B 221 -23.53 11.98 -14.34
CA ALA B 221 -24.44 13.05 -14.73
C ALA B 221 -24.31 13.42 -16.22
N GLY B 222 -24.36 12.42 -17.10
CA GLY B 222 -24.18 12.65 -18.53
C GLY B 222 -22.84 13.24 -18.94
N ASN B 223 -21.80 12.91 -18.18
CA ASN B 223 -20.44 13.42 -18.37
C ASN B 223 -20.31 14.90 -18.07
N CYS B 224 -21.20 15.45 -17.25
CA CYS B 224 -21.07 16.84 -16.78
C CYS B 224 -20.20 16.93 -15.54
N ILE B 225 -20.11 15.83 -14.82
CA ILE B 225 -19.36 15.79 -13.59
C ILE B 225 -18.22 14.79 -13.71
N ARG B 226 -17.06 15.18 -13.20
CA ARG B 226 -15.92 14.28 -13.20
C ARG B 226 -15.44 14.08 -11.76
N CYS B 227 -15.32 12.84 -11.32
CA CYS B 227 -14.95 12.57 -9.95
C CYS B 227 -13.67 11.81 -9.90
N SER B 228 -12.74 12.22 -9.05
CA SER B 228 -11.48 11.55 -8.94
C SER B 228 -11.19 11.19 -7.49
N CYS B 229 -10.48 10.09 -7.31
CA CYS B 229 -10.17 9.57 -5.99
C CYS B 229 -8.67 9.49 -5.77
N SER B 230 -8.18 10.30 -4.83
CA SER B 230 -6.82 10.16 -4.31
C SER B 230 -6.86 9.73 -2.84
N SER B 231 -6.10 8.69 -2.51
CA SER B 231 -5.92 8.20 -1.14
C SER B 231 -5.44 9.28 -0.16
N THR B 232 -4.81 10.32 -0.69
CA THR B 232 -4.37 11.45 0.13
C THR B 232 -5.46 11.99 1.08
N THR B 233 -6.72 11.91 0.66
CA THR B 233 -7.84 12.33 1.50
C THR B 233 -8.93 11.25 1.56
N TYR B 234 -8.97 10.37 0.57
CA TYR B 234 -10.07 9.42 0.38
C TYR B 234 -11.46 10.09 0.45
N GLN B 235 -11.51 11.34 0.03
CA GLN B 235 -12.77 12.01 -0.24
C GLN B 235 -12.86 12.36 -1.73
N LEU B 236 -13.99 12.02 -2.34
CA LEU B 236 -14.22 12.21 -3.77
C LEU B 236 -14.11 13.68 -4.15
N ASN B 237 -13.23 13.96 -5.12
CA ASN B 237 -13.07 15.29 -5.69
C ASN B 237 -13.87 15.41 -6.98
N CYS B 238 -14.96 16.19 -6.96
CA CYS B 238 -15.81 16.34 -8.14
C CYS B 238 -15.78 17.75 -8.74
N THR B 239 -15.60 17.79 -10.06
CA THR B 239 -15.47 19.02 -10.81
C THR B 239 -16.49 19.10 -11.97
N ALA B 240 -16.90 20.31 -12.31
CA ALA B 240 -17.80 20.50 -13.43
C ALA B 240 -16.97 20.49 -14.71
N VAL B 241 -17.32 19.59 -15.62
CA VAL B 241 -16.61 19.42 -16.87
C VAL B 241 -16.90 20.60 -17.80
N GLN B 242 -18.14 21.08 -17.74
CA GLN B 242 -18.57 22.23 -18.53
C GLN B 242 -18.37 21.95 -20.01
N ASN B 243 -18.78 20.77 -20.45
CA ASN B 243 -18.93 20.45 -21.85
C ASN B 243 -20.02 21.30 -22.46
N LYS B 244 -19.83 21.74 -23.69
CA LYS B 244 -20.89 22.42 -24.41
C LYS B 244 -22.20 21.65 -24.29
N GLY B 245 -23.26 22.32 -23.83
CA GLY B 245 -24.55 21.69 -23.67
C GLY B 245 -24.87 21.17 -22.28
N CYS B 246 -23.85 21.11 -21.41
CA CYS B 246 -24.05 20.68 -20.02
C CYS B 246 -24.95 21.66 -19.27
N PRO B 247 -25.84 21.14 -18.42
CA PRO B 247 -26.71 21.99 -17.61
C PRO B 247 -25.92 22.66 -16.49
N SER B 248 -26.44 23.72 -15.89
CA SER B 248 -25.66 24.46 -14.91
C SER B 248 -25.52 23.68 -13.60
N VAL B 249 -24.47 23.97 -12.85
CA VAL B 249 -24.26 23.36 -11.54
C VAL B 249 -24.56 24.39 -10.46
N PRO B 250 -25.49 24.06 -9.55
CA PRO B 250 -25.99 24.98 -8.53
C PRO B 250 -24.96 25.28 -7.42
N LEU B 251 -25.03 26.48 -6.89
CA LEU B 251 -24.19 26.90 -5.81
C LEU B 251 -24.74 26.25 -4.60
N CYS B 252 -23.98 26.17 -3.54
CA CYS B 252 -24.52 25.67 -2.29
C CYS B 252 -25.01 26.84 -1.51
N ASN B 253 -26.32 26.89 -1.30
CA ASN B 253 -26.89 28.08 -0.69
C ASN B 253 -26.54 29.25 -1.60
N GLY B 254 -25.78 30.19 -1.10
CA GLY B 254 -25.31 31.21 -1.99
C GLY B 254 -23.82 31.09 -2.01
N THR B 255 -23.28 31.08 -3.21
CA THR B 255 -21.91 31.45 -3.45
C THR B 255 -20.84 30.49 -3.05
N LEU B 256 -21.19 29.24 -2.81
CA LEU B 256 -20.18 28.22 -2.77
C LEU B 256 -20.33 27.49 -4.07
N LYS B 257 -19.28 27.57 -4.87
CA LYS B 257 -19.21 26.91 -6.14
C LYS B 257 -18.67 25.54 -5.90
N LEU B 258 -19.07 24.59 -6.71
CA LEU B 258 -18.65 23.26 -6.44
C LEU B 258 -17.15 23.25 -6.33
N GLY B 259 -16.69 22.62 -5.27
CA GLY B 259 -15.30 22.50 -4.93
C GLY B 259 -14.78 23.58 -4.03
N GLU B 260 -15.51 24.68 -3.91
CA GLU B 260 -15.08 25.76 -3.07
C GLU B 260 -15.21 25.35 -1.63
N THR B 261 -14.28 25.75 -0.80
CA THR B 261 -14.25 25.29 0.57
C THR B 261 -14.39 26.47 1.47
N ASN B 262 -15.14 26.32 2.53
CA ASN B 262 -15.29 27.40 3.47
C ASN B 262 -14.92 26.97 4.87
N GLY B 263 -13.99 27.70 5.47
CA GLY B 263 -13.60 27.53 6.85
C GLY B 263 -12.19 27.12 7.21
N THR B 264 -11.73 26.02 6.67
CA THR B 264 -10.43 25.45 7.01
C THR B 264 -10.52 24.60 8.27
N GLY B 265 -9.56 23.70 8.46
CA GLY B 265 -9.58 22.81 9.60
C GLY B 265 -10.41 21.58 9.35
N CYS B 266 -10.52 20.72 10.34
CA CYS B 266 -11.34 19.53 10.16
C CYS B 266 -12.82 19.91 10.32
N GLY B 267 -13.06 21.18 10.62
CA GLY B 267 -14.40 21.73 10.66
C GLY B 267 -14.82 22.49 9.43
N SER B 268 -13.98 22.46 8.42
CA SER B 268 -14.21 23.13 7.14
C SER B 268 -15.43 22.51 6.43
N THR B 269 -15.92 23.24 5.44
CA THR B 269 -17.19 22.89 4.81
C THR B 269 -17.10 23.21 3.32
N THR B 270 -17.49 22.22 2.50
CA THR B 270 -17.17 22.22 1.08
C THR B 270 -18.40 21.95 0.21
N CYS B 271 -18.57 22.73 -0.85
CA CYS B 271 -19.66 22.48 -1.76
C CYS B 271 -19.40 21.23 -2.61
N ALA B 272 -20.18 20.17 -2.37
CA ALA B 272 -19.96 18.87 -2.99
C ALA B 272 -20.99 18.50 -4.07
N TYR B 273 -20.60 17.64 -5.00
CA TYR B 273 -21.54 16.97 -5.90
C TYR B 273 -22.37 15.96 -5.11
N SER B 274 -23.69 16.06 -5.18
CA SER B 274 -24.52 15.20 -4.34
C SER B 274 -25.43 14.29 -5.14
N GLY B 275 -25.38 14.42 -6.45
CA GLY B 275 -26.14 13.52 -7.29
C GLY B 275 -26.76 14.21 -8.48
N TYR B 276 -27.51 13.44 -9.24
CA TYR B 276 -28.26 14.02 -10.34
C TYR B 276 -29.52 13.22 -10.56
N SER B 277 -30.42 13.82 -11.32
CA SER B 277 -31.67 13.23 -11.75
C SER B 277 -31.99 13.50 -13.21
N ASN B 278 -32.76 12.60 -13.83
CA ASN B 278 -33.17 12.70 -15.24
C ASN B 278 -34.66 12.52 -15.61
N SER B 279 -35.61 13.12 -14.89
CA SER B 279 -36.99 13.18 -15.41
C SER B 279 -37.30 14.53 -16.04
N SER B 280 -37.33 14.55 -17.35
CA SER B 280 -37.76 15.67 -18.17
C SER B 280 -36.62 16.59 -18.52
N SER B 281 -35.64 16.62 -17.65
CA SER B 281 -34.41 17.27 -17.96
C SER B 281 -33.38 16.79 -16.98
N LEU B 282 -32.12 16.97 -17.31
CA LEU B 282 -31.07 16.52 -16.44
C LEU B 282 -30.81 17.55 -15.40
N ILE B 283 -30.84 17.15 -14.15
CA ILE B 283 -30.59 18.10 -13.09
C ILE B 283 -29.49 17.63 -12.16
N ILE B 284 -28.54 18.51 -11.91
CA ILE B 284 -27.39 18.23 -11.06
C ILE B 284 -27.60 18.79 -9.67
N GLN B 285 -27.35 17.97 -8.65
CA GLN B 285 -27.46 18.46 -7.28
C GLN B 285 -26.12 18.63 -6.58
N THR B 286 -25.99 19.72 -5.82
CA THR B 286 -24.88 19.89 -4.90
C THR B 286 -25.39 20.03 -3.46
N SER B 287 -24.48 19.87 -2.50
CA SER B 287 -24.83 20.06 -1.10
C SER B 287 -23.57 20.27 -0.29
N LEU B 288 -23.71 20.89 0.88
CA LEU B 288 -22.55 21.10 1.74
C LEU B 288 -22.05 19.78 2.24
N ALA B 289 -20.74 19.68 2.42
CA ALA B 289 -20.17 18.45 2.91
C ALA B 289 -19.16 18.76 3.98
N THR B 290 -19.06 17.82 4.92
CA THR B 290 -18.10 17.85 5.99
C THR B 290 -16.70 17.53 5.47
N ASN B 291 -15.67 17.76 6.26
CA ASN B 291 -14.29 17.44 5.87
C ASN B 291 -13.95 15.98 6.07
N GLN B 292 -14.18 15.16 5.06
CA GLN B 292 -14.03 13.72 5.13
C GLN B 292 -12.61 13.19 4.84
N THR B 293 -11.57 13.67 5.51
CA THR B 293 -10.22 13.34 5.09
C THR B 293 -9.42 12.28 5.82
N THR B 294 -10.08 11.31 6.40
CA THR B 294 -9.36 10.16 6.97
C THR B 294 -8.56 10.63 8.16
N ALA B 295 -7.83 11.71 7.98
CA ALA B 295 -7.15 12.31 9.09
C ALA B 295 -8.21 12.67 10.07
N CYS B 296 -9.31 13.17 9.54
CA CYS B 296 -10.37 13.77 10.30
C CYS B 296 -11.42 12.78 10.78
N GLN B 297 -11.21 11.50 10.47
CA GLN B 297 -12.13 10.45 10.84
C GLN B 297 -12.37 10.33 12.33
C1 NAG C . 36.00 16.30 27.24
C2 NAG C . 35.02 17.45 27.24
C3 NAG C . 34.05 17.25 26.09
C4 NAG C . 34.76 16.98 24.77
C5 NAG C . 35.88 15.98 24.95
C6 NAG C . 36.78 16.04 23.74
C7 NAG C . 34.40 18.62 29.29
C8 NAG C . 33.41 18.69 30.38
N2 NAG C . 34.36 17.55 28.52
O1 NAG C . 36.94 16.46 28.28
O3 NAG C . 33.33 18.43 25.90
O4 NAG C . 33.84 16.47 23.80
O5 NAG C . 36.71 16.35 26.03
O6 NAG C . 37.97 16.64 24.21
O7 NAG C . 35.15 19.53 29.14
C1 NAG C . 33.78 17.36 22.67
C2 NAG C . 33.59 16.54 21.40
C3 NAG C . 33.12 17.39 20.25
C4 NAG C . 31.99 18.30 20.66
C5 NAG C . 32.43 19.11 21.82
C6 NAG C . 31.28 19.88 22.36
C7 NAG C . 34.91 14.53 21.17
C8 NAG C . 36.12 13.89 20.61
N2 NAG C . 34.80 15.85 21.01
O3 NAG C . 32.64 16.49 19.26
O4 NAG C . 31.61 19.19 19.62
O5 NAG C . 32.65 18.20 22.84
O6 NAG C . 30.90 19.07 23.45
O7 NAG C . 34.09 13.90 21.78
C1 NAG C . 30.18 19.28 19.50
C2 NAG C . 29.89 20.59 18.82
C3 NAG C . 28.43 20.66 18.50
C4 NAG C . 28.07 19.50 17.59
C5 NAG C . 28.33 18.25 18.39
C6 NAG C . 28.07 17.03 17.55
C7 NAG C . 31.50 22.10 19.66
C8 NAG C . 31.85 23.08 20.70
N2 NAG C . 30.28 21.62 19.70
O3 NAG C . 28.17 21.85 17.82
O4 NAG C . 26.70 19.52 17.24
O5 NAG C . 29.69 18.24 18.71
O6 NAG C . 28.82 15.97 18.10
O7 NAG C . 32.29 21.80 18.83
C1 NAG D . 6.64 1.48 -13.71
C2 NAG D . 7.28 0.21 -14.28
C3 NAG D . 6.46 -0.31 -15.47
C4 NAG D . 4.98 -0.39 -15.13
C5 NAG D . 4.49 0.92 -14.53
C6 NAG D . 3.05 0.88 -14.10
C7 NAG D . 9.72 0.09 -14.00
C8 NAG D . 11.05 0.46 -14.58
N2 NAG D . 8.65 0.48 -14.69
O3 NAG D . 6.95 -1.58 -15.86
O4 NAG D . 4.22 -0.65 -16.32
O5 NAG D . 5.28 1.23 -13.38
O6 NAG D . 2.87 0.46 -12.75
O7 NAG D . 9.62 -0.52 -12.95
C1 NAG E . -31.85 12.06 -20.08
C2 NAG E . -31.07 10.91 -20.60
C3 NAG E . -31.31 10.76 -22.09
C4 NAG E . -32.77 11.00 -22.48
C5 NAG E . -33.54 11.96 -21.57
C6 NAG E . -35.04 11.81 -21.66
C7 NAG E . -28.97 10.27 -19.52
C8 NAG E . -27.53 10.61 -19.32
N2 NAG E . -29.65 11.09 -20.32
O3 NAG E . -30.91 9.44 -22.48
O4 NAG E . -32.75 11.62 -23.76
O5 NAG E . -33.17 11.79 -20.21
O6 NAG E . -35.47 10.48 -21.39
O7 NAG E . -29.49 9.31 -18.98
C1 NAG F . -33.84 9.44 -25.13
C2 NAG F . -34.34 10.53 -26.02
C3 NAG F . -34.10 10.12 -27.46
C4 NAG F . -32.61 9.83 -27.67
C5 NAG F . -31.96 9.02 -26.52
C6 NAG F . -30.45 9.13 -26.46
C7 NAG F . -36.18 12.08 -25.53
C8 NAG F . -37.65 12.22 -25.27
N2 NAG F . -35.74 10.83 -25.77
O3 NAG F . -34.54 11.15 -28.33
O4 NAG F . -32.44 9.09 -28.87
O5 NAG F . -32.45 9.39 -25.22
O6 NAG F . -29.94 10.23 -27.19
O7 NAG F . -35.43 13.06 -25.56
C1 NAG G . 5.38 -12.51 -2.12
C2 NAG G . 6.40 -13.07 -1.14
C3 NAG G . 7.65 -12.20 -1.16
C4 NAG G . 8.17 -12.08 -2.58
C5 NAG G . 7.05 -11.58 -3.50
C6 NAG G . 7.43 -11.51 -4.97
C7 NAG G . 5.32 -14.27 0.72
C8 NAG G . 4.78 -14.17 2.11
N2 NAG G . 5.86 -13.15 0.21
O3 NAG G . 8.65 -12.73 -0.29
O4 NAG G . 9.29 -11.21 -2.64
O5 NAG G . 5.92 -12.48 -3.41
O6 NAG G . 7.49 -12.79 -5.59
O7 NAG G . 5.27 -15.31 0.08
#